data_4Q97
#
_entry.id   4Q97
#
_cell.length_a   41.250
_cell.length_b   41.250
_cell.length_c   98.340
_cell.angle_alpha   90.00
_cell.angle_beta   90.00
_cell.angle_gamma   120.00
#
_symmetry.space_group_name_H-M   'P 31'
#
loop_
_entity.id
_entity.type
_entity.pdbx_description
1 polymer 'Novel antigen receptor'
2 water water
#
_entity_poly.entity_id   1
_entity_poly.type   'polypeptide(L)'
_entity_poly.pdbx_seq_one_letter_code
;GSHMGIPPSPPIVSLLHSATEEQRANRFVQLVCLISGYYPENIAVSWQKNTKTITSGFATTSPVKTSSNDFSCASLLKVP
LQEWSRGSVYSCQVSHSATSSNQRKEIRSTS
;
_entity_poly.pdbx_strand_id   A,B
#
# COMPACT_ATOMS: atom_id res chain seq x y z
N SER A 2 -15.98 -16.12 -32.21
CA SER A 2 -15.24 -16.31 -30.93
C SER A 2 -13.89 -15.62 -30.94
N HIS A 3 -13.72 -14.65 -30.04
CA HIS A 3 -12.42 -14.04 -29.80
C HIS A 3 -12.15 -14.06 -28.30
N MET A 4 -11.11 -14.80 -27.92
CA MET A 4 -10.79 -15.07 -26.53
C MET A 4 -10.32 -13.80 -25.79
N GLY A 5 -10.03 -13.93 -24.51
CA GLY A 5 -9.50 -12.81 -23.74
C GLY A 5 -9.91 -12.81 -22.28
N ILE A 6 -9.14 -12.10 -21.47
CA ILE A 6 -9.38 -11.99 -20.05
C ILE A 6 -10.62 -11.11 -19.84
N PRO A 7 -11.59 -11.60 -19.05
CA PRO A 7 -12.73 -10.77 -18.68
C PRO A 7 -12.24 -9.52 -17.95
N PRO A 8 -12.70 -8.33 -18.39
CA PRO A 8 -12.44 -7.13 -17.60
C PRO A 8 -13.00 -7.31 -16.18
N SER A 9 -12.23 -6.88 -15.18
CA SER A 9 -12.69 -6.98 -13.81
C SER A 9 -12.46 -5.67 -13.05
N PRO A 10 -13.44 -5.27 -12.22
CA PRO A 10 -13.35 -4.00 -11.51
C PRO A 10 -12.36 -4.07 -10.35
N PRO A 11 -11.65 -2.96 -10.07
CA PRO A 11 -10.64 -2.97 -9.00
C PRO A 11 -11.25 -3.21 -7.64
N ILE A 12 -10.55 -3.94 -6.80
CA ILE A 12 -10.92 -4.01 -5.39
C ILE A 12 -10.18 -2.85 -4.73
N VAL A 13 -10.94 -2.05 -3.99
CA VAL A 13 -10.45 -0.78 -3.43
C VAL A 13 -10.49 -0.84 -1.91
N SER A 14 -9.39 -0.47 -1.30
CA SER A 14 -9.28 -0.54 0.13
C SER A 14 -8.39 0.61 0.63
N LEU A 15 -8.96 1.42 1.51
CA LEU A 15 -8.25 2.54 2.09
C LEU A 15 -7.77 2.18 3.50
N LEU A 16 -6.48 2.38 3.73
CA LEU A 16 -5.87 1.97 5.00
C LEU A 16 -5.05 3.11 5.59
N HIS A 17 -5.00 3.17 6.91
CA HIS A 17 -4.22 4.20 7.60
C HIS A 17 -3.14 3.56 8.46
N SER A 18 -2.01 4.26 8.58
CA SER A 18 -1.04 3.93 9.62
C SER A 18 -0.57 5.21 10.29
N ALA A 19 -0.53 5.17 11.62
CA ALA A 19 0.08 6.23 12.41
C ALA A 19 1.00 5.59 13.43
N THR A 20 2.22 5.29 13.00
CA THR A 20 3.26 4.78 13.89
C THR A 20 4.06 5.96 14.43
N GLU A 21 5.25 5.68 14.96
CA GLU A 21 6.01 6.66 15.73
C GLU A 21 6.77 7.69 14.88
N GLU A 22 7.55 7.22 13.91
CA GLU A 22 8.20 8.12 12.95
C GLU A 22 7.16 8.98 12.27
N GLN A 23 6.05 8.35 11.89
CA GLN A 23 4.92 9.03 11.28
C GLN A 23 4.35 10.10 12.20
N ARG A 24 3.96 9.70 13.41
CA ARG A 24 3.48 10.66 14.41
C ARG A 24 4.53 11.74 14.73
N ALA A 25 5.81 11.36 14.71
CA ALA A 25 6.90 12.31 14.98
C ALA A 25 7.12 13.30 13.84
N ASN A 26 7.28 12.80 12.61
CA ASN A 26 7.48 13.67 11.43
C ASN A 26 6.23 14.48 11.09
N ARG A 27 5.26 14.46 12.02
CA ARG A 27 4.01 15.22 11.95
C ARG A 27 3.21 14.98 10.67
N PHE A 28 3.03 13.70 10.33
CA PHE A 28 2.16 13.30 9.24
C PHE A 28 1.47 11.97 9.53
N VAL A 29 0.58 11.57 8.63
CA VAL A 29 -0.17 10.34 8.79
C VAL A 29 -0.28 9.77 7.39
N GLN A 30 -0.02 8.47 7.25
CA GLN A 30 0.04 7.83 5.94
C GLN A 30 -1.24 7.07 5.64
N LEU A 31 -1.84 7.41 4.51
CA LEU A 31 -3.01 6.71 4.00
C LEU A 31 -2.64 5.98 2.73
N VAL A 32 -3.12 4.74 2.61
CA VAL A 32 -2.88 3.94 1.42
C VAL A 32 -4.21 3.61 0.76
N CYS A 33 -4.36 4.06 -0.48
CA CYS A 33 -5.47 3.60 -1.30
C CYS A 33 -5.01 2.41 -2.14
N LEU A 34 -5.30 1.21 -1.65
CA LEU A 34 -4.98 -0.01 -2.36
C LEU A 34 -6.01 -0.36 -3.41
N ILE A 35 -5.54 -0.51 -4.64
CA ILE A 35 -6.37 -0.81 -5.80
C ILE A 35 -5.82 -2.08 -6.47
N SER A 36 -6.51 -3.20 -6.31
CA SER A 36 -6.01 -4.49 -6.78
C SER A 36 -7.07 -5.29 -7.52
N GLY A 37 -6.63 -6.11 -8.47
CA GLY A 37 -7.53 -7.09 -9.10
C GLY A 37 -8.31 -6.56 -10.29
N TYR A 38 -7.77 -5.53 -10.93
CA TYR A 38 -8.42 -4.93 -12.08
C TYR A 38 -7.71 -5.27 -13.38
N TYR A 39 -8.50 -5.44 -14.43
CA TYR A 39 -8.03 -5.67 -15.78
C TYR A 39 -9.01 -5.01 -16.74
N PRO A 40 -8.52 -4.23 -17.73
CA PRO A 40 -7.14 -3.80 -18.04
C PRO A 40 -6.56 -2.85 -16.99
N GLU A 41 -5.36 -2.34 -17.23
CA GLU A 41 -4.67 -1.48 -16.26
C GLU A 41 -5.31 -0.09 -16.08
N ASN A 42 -5.81 0.51 -17.16
CA ASN A 42 -6.44 1.82 -17.15
C ASN A 42 -7.34 2.15 -15.96
N ILE A 43 -6.82 2.98 -15.05
CA ILE A 43 -7.59 3.50 -13.93
C ILE A 43 -7.36 5.00 -13.72
N ALA A 44 -8.33 5.66 -13.12
CA ALA A 44 -8.16 7.04 -12.65
C ALA A 44 -8.32 7.08 -11.12
N VAL A 45 -7.32 7.66 -10.45
CA VAL A 45 -7.33 7.79 -8.98
C VAL A 45 -7.43 9.25 -8.58
N SER A 46 -8.28 9.54 -7.62
CA SER A 46 -8.45 10.88 -7.09
C SER A 46 -8.81 10.88 -5.60
N TRP A 47 -8.17 11.77 -4.86
CA TRP A 47 -8.36 11.89 -3.42
C TRP A 47 -9.24 13.06 -3.08
N GLN A 48 -10.02 12.91 -2.00
CA GLN A 48 -10.83 13.99 -1.45
C GLN A 48 -10.66 14.09 0.06
N LYS A 49 -10.85 15.31 0.57
CA LYS A 49 -10.98 15.56 2.00
C LYS A 49 -12.30 16.28 2.26
N ASN A 50 -13.10 15.74 3.19
CA ASN A 50 -14.37 16.35 3.60
C ASN A 50 -15.25 16.83 2.44
N THR A 51 -15.51 15.94 1.48
CA THR A 51 -16.22 16.27 0.23
C THR A 51 -15.27 16.81 -0.84
N LYS A 52 -14.48 17.82 -0.46
CA LYS A 52 -13.64 18.57 -1.40
C LYS A 52 -12.35 17.85 -1.78
N THR A 53 -11.92 18.03 -3.02
CA THR A 53 -10.75 17.38 -3.61
C THR A 53 -9.44 17.65 -2.83
N ILE A 54 -8.45 16.79 -3.04
CA ILE A 54 -7.09 17.00 -2.56
C ILE A 54 -6.18 17.27 -3.75
N THR A 55 -5.42 18.37 -3.68
CA THR A 55 -4.62 18.87 -4.80
C THR A 55 -3.30 18.13 -5.01
N SER A 56 -2.54 17.95 -3.92
CA SER A 56 -1.24 17.28 -3.98
C SER A 56 -0.95 16.52 -2.67
N GLY A 57 0.30 16.15 -2.48
CA GLY A 57 0.72 15.39 -1.31
C GLY A 57 0.55 13.88 -1.52
N PHE A 58 0.22 13.50 -2.75
CA PHE A 58 0.01 12.08 -3.04
C PHE A 58 0.78 11.54 -4.25
N ALA A 59 1.30 10.33 -4.08
CA ALA A 59 1.94 9.58 -5.15
C ALA A 59 1.20 8.27 -5.35
N THR A 60 1.13 7.84 -6.60
CA THR A 60 0.55 6.55 -6.95
C THR A 60 1.66 5.73 -7.57
N THR A 61 1.84 4.50 -7.08
CA THR A 61 2.86 3.60 -7.59
C THR A 61 2.51 3.13 -9.00
N SER A 62 3.51 2.69 -9.75
CA SER A 62 3.29 1.98 -11.01
C SER A 62 2.68 0.64 -10.65
N PRO A 63 1.76 0.13 -11.50
CA PRO A 63 1.07 -1.10 -11.15
C PRO A 63 1.93 -2.35 -11.36
N VAL A 64 1.69 -3.37 -10.55
CA VAL A 64 2.33 -4.66 -10.76
C VAL A 64 1.31 -5.69 -11.24
N LYS A 65 1.83 -6.67 -11.98
CA LYS A 65 1.04 -7.78 -12.47
C LYS A 65 1.12 -8.90 -11.45
N THR A 66 -0.01 -9.22 -10.81
CA THR A 66 -0.07 -10.32 -9.84
C THR A 66 -0.04 -11.68 -10.53
N SER A 67 -0.06 -12.75 -9.73
CA SER A 67 -0.13 -14.11 -10.23
C SER A 67 -1.46 -14.44 -10.91
N SER A 68 -2.44 -13.54 -10.78
CA SER A 68 -3.77 -13.76 -11.34
C SER A 68 -3.97 -13.14 -12.73
N ASN A 69 -2.88 -12.68 -13.35
CA ASN A 69 -2.96 -11.81 -14.54
C ASN A 69 -3.84 -10.62 -14.20
N ASP A 70 -3.48 -10.02 -13.07
CA ASP A 70 -4.16 -8.91 -12.45
C ASP A 70 -3.19 -7.77 -12.30
N PHE A 71 -3.74 -6.59 -12.04
CA PHE A 71 -2.92 -5.46 -11.67
C PHE A 71 -3.29 -4.98 -10.27
N SER A 72 -2.26 -4.70 -9.48
CA SER A 72 -2.42 -4.01 -8.22
C SER A 72 -1.54 -2.78 -8.23
N CYS A 73 -2.02 -1.71 -7.61
CA CYS A 73 -1.18 -0.55 -7.36
C CYS A 73 -1.63 0.10 -6.07
N ALA A 74 -0.81 1.01 -5.56
CA ALA A 74 -1.15 1.73 -4.35
C ALA A 74 -1.03 3.23 -4.60
N SER A 75 -2.00 3.99 -4.07
CA SER A 75 -1.92 5.44 -4.07
C SER A 75 -1.64 5.92 -2.65
N LEU A 76 -0.54 6.66 -2.50
CA LEU A 76 -0.02 7.04 -1.19
C LEU A 76 -0.20 8.52 -0.87
N LEU A 77 -0.94 8.79 0.20
CA LEU A 77 -1.14 10.17 0.64
C LEU A 77 -0.61 10.36 2.06
N LYS A 78 0.24 11.37 2.23
CA LYS A 78 0.66 11.83 3.54
C LYS A 78 -0.27 12.96 3.94
N VAL A 79 -0.99 12.77 5.03
CA VAL A 79 -1.83 13.84 5.55
C VAL A 79 -1.29 14.39 6.87
N PRO A 80 -1.15 15.72 6.96
CA PRO A 80 -0.83 16.42 8.19
C PRO A 80 -1.56 15.82 9.40
N LEU A 81 -0.81 15.51 10.47
CA LEU A 81 -1.38 14.93 11.68
C LEU A 81 -2.43 15.86 12.27
N GLN A 82 -2.15 17.16 12.18
CA GLN A 82 -3.10 18.23 12.46
C GLN A 82 -4.44 17.93 11.79
N GLU A 83 -4.38 17.70 10.48
CA GLU A 83 -5.55 17.54 9.62
C GLU A 83 -6.26 16.19 9.81
N TRP A 84 -5.73 15.35 10.69
CA TRP A 84 -6.26 14.00 10.87
C TRP A 84 -7.37 13.90 11.92
N SER A 85 -7.28 14.65 13.02
CA SER A 85 -8.34 14.63 14.04
C SER A 85 -9.28 15.83 14.03
N ARG A 86 -9.26 16.61 12.95
CA ARG A 86 -10.29 17.62 12.71
C ARG A 86 -11.59 16.91 12.35
N GLY A 87 -11.65 15.60 12.62
CA GLY A 87 -12.75 14.75 12.18
C GLY A 87 -12.89 14.83 10.68
N SER A 88 -11.75 14.97 10.00
CA SER A 88 -11.70 15.02 8.54
C SER A 88 -12.00 13.65 7.95
N VAL A 89 -12.74 13.62 6.85
CA VAL A 89 -12.96 12.40 6.10
C VAL A 89 -12.11 12.45 4.84
N TYR A 90 -11.26 11.44 4.68
CA TYR A 90 -10.51 11.31 3.46
C TYR A 90 -11.06 10.15 2.65
N SER A 91 -11.21 10.38 1.36
CA SER A 91 -11.67 9.36 0.44
C SER A 91 -10.77 9.33 -0.79
N CYS A 92 -10.49 8.13 -1.29
CA CYS A 92 -9.96 7.98 -2.64
C CYS A 92 -11.06 7.39 -3.51
N GLN A 93 -11.00 7.76 -4.79
CA GLN A 93 -12.01 7.38 -5.76
C GLN A 93 -11.28 6.72 -6.93
N VAL A 94 -11.76 5.55 -7.34
CA VAL A 94 -11.13 4.77 -8.40
C VAL A 94 -12.07 4.55 -9.59
N SER A 95 -11.61 4.95 -10.77
CA SER A 95 -12.37 4.81 -12.00
C SER A 95 -11.77 3.79 -12.95
N HIS A 96 -12.63 2.94 -13.49
CA HIS A 96 -12.22 1.89 -14.41
C HIS A 96 -13.24 1.85 -15.55
N SER A 97 -12.91 2.53 -16.64
CA SER A 97 -13.82 2.67 -17.78
C SER A 97 -14.25 1.31 -18.36
N ALA A 98 -13.31 0.40 -18.51
CA ALA A 98 -13.57 -0.88 -19.17
C ALA A 98 -14.68 -1.69 -18.49
N THR A 99 -14.87 -1.42 -17.21
CA THR A 99 -15.90 -2.08 -16.42
C THR A 99 -17.02 -1.10 -16.05
N SER A 100 -16.91 0.13 -16.54
CA SER A 100 -17.84 1.22 -16.21
C SER A 100 -18.01 1.35 -14.69
N SER A 101 -16.87 1.37 -13.99
CA SER A 101 -16.87 1.30 -12.54
C SER A 101 -16.35 2.59 -11.92
N ASN A 102 -17.09 3.09 -10.94
CA ASN A 102 -16.63 4.20 -10.12
C ASN A 102 -16.72 3.81 -8.66
N GLN A 103 -15.55 3.74 -8.03
CA GLN A 103 -15.49 3.29 -6.65
C GLN A 103 -14.89 4.32 -5.71
N ARG A 104 -15.32 4.25 -4.45
CA ARG A 104 -14.84 5.14 -3.41
C ARG A 104 -14.88 4.48 -2.03
N LYS A 105 -13.85 4.73 -1.23
CA LYS A 105 -13.83 4.35 0.18
C LYS A 105 -13.47 5.58 1.01
N GLU A 106 -14.11 5.71 2.16
CA GLU A 106 -13.85 6.84 3.05
C GLU A 106 -13.21 6.34 4.34
N ILE A 107 -12.43 7.22 4.97
CA ILE A 107 -11.78 6.94 6.25
C ILE A 107 -11.70 8.23 7.05
N ARG A 108 -11.79 8.09 8.38
CA ARG A 108 -11.77 9.23 9.31
C ARG A 108 -10.98 8.83 10.57
N SER A 109 -10.65 9.78 11.44
CA SER A 109 -9.84 9.48 12.63
C SER A 109 -10.54 8.67 13.72
N SER B 2 34.42 19.12 1.62
CA SER B 2 32.93 19.18 1.58
C SER B 2 32.35 18.62 0.27
N HIS B 3 31.56 17.56 0.41
CA HIS B 3 30.79 17.03 -0.71
C HIS B 3 29.35 16.87 -0.26
N MET B 4 28.46 17.62 -0.90
CA MET B 4 27.06 17.72 -0.51
C MET B 4 26.32 16.41 -0.77
N GLY B 5 25.03 16.36 -0.43
CA GLY B 5 24.22 15.19 -0.69
C GLY B 5 23.12 14.96 0.34
N ILE B 6 22.12 14.19 -0.07
CA ILE B 6 20.99 13.86 0.77
C ILE B 6 21.45 12.87 1.83
N PRO B 7 21.16 13.16 3.13
CA PRO B 7 21.45 12.19 4.18
C PRO B 7 20.70 10.90 3.90
N PRO B 8 21.39 9.75 3.94
CA PRO B 8 20.69 8.47 3.90
C PRO B 8 19.69 8.41 5.06
N SER B 9 18.49 7.90 4.79
CA SER B 9 17.48 7.77 5.83
C SER B 9 16.82 6.39 5.79
N PRO B 10 16.59 5.79 6.97
CA PRO B 10 16.02 4.45 7.04
C PRO B 10 14.53 4.44 6.70
N PRO B 11 14.05 3.36 6.05
CA PRO B 11 12.64 3.31 5.64
C PRO B 11 11.71 3.30 6.85
N ILE B 12 10.57 3.96 6.71
CA ILE B 12 9.50 3.79 7.68
C ILE B 12 8.68 2.63 7.19
N VAL B 13 8.46 1.66 8.07
CA VAL B 13 7.86 0.37 7.71
C VAL B 13 6.55 0.21 8.44
N SER B 14 5.51 -0.13 7.69
CA SER B 14 4.22 -0.30 8.30
C SER B 14 3.43 -1.38 7.58
N LEU B 15 3.00 -2.37 8.36
CA LEU B 15 2.24 -3.51 7.84
C LEU B 15 0.77 -3.31 8.12
N LEU B 16 -0.03 -3.42 7.06
CA LEU B 16 -1.47 -3.16 7.15
C LEU B 16 -2.27 -4.30 6.56
N HIS B 17 -3.46 -4.53 7.09
CA HIS B 17 -4.34 -5.59 6.58
C HIS B 17 -5.65 -4.99 6.11
N SER B 18 -6.23 -5.60 5.08
CA SER B 18 -7.62 -5.34 4.75
C SER B 18 -8.33 -6.66 4.46
N ALA B 19 -9.52 -6.81 5.04
CA ALA B 19 -10.40 -7.91 4.71
C ALA B 19 -11.79 -7.35 4.46
N THR B 20 -12.01 -6.89 3.23
CA THR B 20 -13.32 -6.43 2.79
C THR B 20 -14.08 -7.61 2.17
N GLU B 21 -15.12 -7.30 1.40
CA GLU B 21 -16.07 -8.32 0.95
C GLU B 21 -15.58 -9.13 -0.25
N GLU B 22 -15.15 -8.46 -1.32
CA GLU B 22 -14.53 -9.16 -2.45
C GLU B 22 -13.38 -10.02 -1.96
N GLN B 23 -12.57 -9.43 -1.07
CA GLN B 23 -11.44 -10.11 -0.45
C GLN B 23 -11.89 -11.35 0.31
N ARG B 24 -12.80 -11.16 1.27
CA ARG B 24 -13.38 -12.28 2.02
C ARG B 24 -14.07 -13.31 1.08
N ALA B 25 -14.69 -12.83 0.00
CA ALA B 25 -15.34 -13.70 -0.97
C ALA B 25 -14.35 -14.49 -1.83
N ASN B 26 -13.39 -13.81 -2.45
CA ASN B 26 -12.38 -14.48 -3.28
C ASN B 26 -11.42 -15.34 -2.46
N ARG B 27 -11.79 -15.55 -1.19
CA ARG B 27 -11.06 -16.39 -0.22
C ARG B 27 -9.59 -16.03 -0.07
N PHE B 28 -9.32 -14.74 0.10
CA PHE B 28 -7.98 -14.27 0.43
C PHE B 28 -8.03 -13.05 1.37
N VAL B 29 -6.86 -12.60 1.79
CA VAL B 29 -6.75 -11.47 2.69
C VAL B 29 -5.52 -10.71 2.23
N GLN B 30 -5.64 -9.39 2.12
CA GLN B 30 -4.58 -8.57 1.57
C GLN B 30 -3.77 -7.89 2.68
N LEU B 31 -2.46 -8.11 2.64
CA LEU B 31 -1.53 -7.44 3.53
C LEU B 31 -0.65 -6.52 2.73
N VAL B 32 -0.42 -5.32 3.26
CA VAL B 32 0.44 -4.34 2.62
C VAL B 32 1.63 -4.04 3.53
N CYS B 33 2.82 -4.31 3.04
CA CYS B 33 4.02 -3.84 3.70
C CYS B 33 4.44 -2.51 3.08
N LEU B 34 4.05 -1.42 3.73
CA LEU B 34 4.41 -0.08 3.29
C LEU B 34 5.79 0.32 3.77
N ILE B 35 6.63 0.70 2.81
CA ILE B 35 8.01 1.09 3.05
C ILE B 35 8.23 2.48 2.44
N SER B 36 8.33 3.49 3.28
CA SER B 36 8.39 4.88 2.82
C SER B 36 9.47 5.69 3.53
N GLY B 37 10.03 6.67 2.83
CA GLY B 37 10.92 7.64 3.47
C GLY B 37 12.37 7.22 3.53
N TYR B 38 12.76 6.34 2.63
CA TYR B 38 14.13 5.85 2.57
C TYR B 38 14.91 6.44 1.41
N TYR B 39 16.19 6.68 1.65
CA TYR B 39 17.13 7.15 0.64
C TYR B 39 18.49 6.54 0.98
N PRO B 40 19.19 5.95 -0.02
CA PRO B 40 18.87 5.70 -1.43
C PRO B 40 17.75 4.66 -1.60
N GLU B 41 17.44 4.29 -2.84
CA GLU B 41 16.35 3.36 -3.12
C GLU B 41 16.60 1.91 -2.66
N ASN B 42 17.84 1.45 -2.80
CA ASN B 42 18.25 0.09 -2.42
C ASN B 42 17.65 -0.49 -1.13
N ILE B 43 16.68 -1.38 -1.29
CA ILE B 43 16.10 -2.12 -0.18
C ILE B 43 15.94 -3.60 -0.51
N ALA B 44 15.92 -4.44 0.53
CA ALA B 44 15.55 -5.84 0.41
C ALA B 44 14.29 -6.10 1.22
N VAL B 45 13.28 -6.69 0.58
CA VAL B 45 12.00 -7.02 1.24
C VAL B 45 11.82 -8.54 1.30
N SER B 46 11.39 -9.02 2.45
CA SER B 46 11.13 -10.45 2.65
C SER B 46 9.99 -10.68 3.65
N TRP B 47 9.12 -11.61 3.30
CA TRP B 47 7.95 -11.94 4.10
C TRP B 47 8.16 -13.24 4.87
N GLN B 48 7.59 -13.30 6.07
CA GLN B 48 7.57 -14.52 6.87
C GLN B 48 6.18 -14.82 7.41
N LYS B 49 5.91 -16.10 7.63
CA LYS B 49 4.74 -16.57 8.36
C LYS B 49 5.19 -17.42 9.54
N ASN B 50 4.70 -17.09 10.74
CA ASN B 50 5.00 -17.85 11.96
C ASN B 50 6.48 -18.23 12.13
N THR B 51 7.36 -17.24 12.05
CA THR B 51 8.82 -17.44 12.06
C THR B 51 9.36 -17.75 10.67
N LYS B 52 8.75 -18.74 10.00
CA LYS B 52 9.24 -19.27 8.74
C LYS B 52 8.91 -18.39 7.52
N THR B 53 9.81 -18.37 6.56
CA THR B 53 9.71 -17.55 5.35
C THR B 53 8.45 -17.81 4.52
N ILE B 54 8.10 -16.84 3.67
CA ILE B 54 7.04 -17.01 2.67
C ILE B 54 7.69 -17.03 1.28
N THR B 55 7.36 -18.05 0.50
CA THR B 55 8.02 -18.32 -0.78
C THR B 55 7.51 -17.46 -1.94
N SER B 56 6.19 -17.37 -2.09
CA SER B 56 5.57 -16.58 -3.16
C SER B 56 4.23 -16.01 -2.71
N GLY B 57 3.43 -15.56 -3.68
CA GLY B 57 2.14 -14.94 -3.40
C GLY B 57 2.27 -13.44 -3.14
N PHE B 58 3.48 -12.91 -3.35
CA PHE B 58 3.71 -11.49 -3.10
C PHE B 58 4.36 -10.72 -4.24
N ALA B 59 3.85 -9.51 -4.47
CA ALA B 59 4.42 -8.56 -5.41
C ALA B 59 4.85 -7.31 -4.67
N THR B 60 5.95 -6.71 -5.12
CA THR B 60 6.41 -5.44 -4.58
C THR B 60 6.36 -4.44 -5.72
N THR B 61 5.72 -3.29 -5.48
CA THR B 61 5.62 -2.24 -6.48
C THR B 61 7.00 -1.60 -6.74
N SER B 62 7.14 -0.97 -7.91
CA SER B 62 8.29 -0.12 -8.19
C SER B 62 8.15 1.11 -7.31
N PRO B 63 9.29 1.65 -6.82
CA PRO B 63 9.20 2.76 -5.88
C PRO B 63 8.86 4.08 -6.56
N VAL B 64 8.18 4.96 -5.84
CA VAL B 64 7.96 6.32 -6.31
C VAL B 64 8.76 7.32 -5.48
N LYS B 65 9.08 8.42 -6.13
CA LYS B 65 9.78 9.53 -5.52
C LYS B 65 8.75 10.49 -4.95
N THR B 66 8.72 10.63 -3.63
CA THR B 66 7.79 11.56 -2.98
C THR B 66 8.26 13.01 -3.13
N SER B 67 7.47 13.95 -2.61
CA SER B 67 7.83 15.37 -2.58
C SER B 67 9.02 15.67 -1.66
N SER B 68 9.43 14.68 -0.87
CA SER B 68 10.54 14.85 0.06
C SER B 68 11.90 14.44 -0.49
N ASN B 69 11.97 14.15 -1.79
CA ASN B 69 13.13 13.45 -2.38
C ASN B 69 13.35 12.15 -1.61
N ASP B 70 12.25 11.44 -1.49
CA ASP B 70 12.11 10.20 -0.77
C ASP B 70 11.63 9.14 -1.72
N PHE B 71 11.75 7.89 -1.29
CA PHE B 71 11.15 6.79 -1.99
C PHE B 71 10.13 6.09 -1.10
N SER B 72 8.97 5.79 -1.69
CA SER B 72 8.00 4.92 -1.07
C SER B 72 7.72 3.76 -2.02
N CYS B 73 7.48 2.59 -1.46
CA CYS B 73 6.98 1.47 -2.24
C CYS B 73 6.12 0.60 -1.36
N ALA B 74 5.36 -0.30 -1.97
CA ALA B 74 4.52 -1.21 -1.22
C ALA B 74 4.81 -2.64 -1.65
N SER B 75 4.86 -3.53 -0.66
CA SER B 75 4.95 -4.96 -0.93
C SER B 75 3.61 -5.62 -0.61
N LEU B 76 3.02 -6.27 -1.60
CA LEU B 76 1.66 -6.78 -1.52
C LEU B 76 1.59 -8.30 -1.43
N LEU B 77 1.04 -8.79 -0.32
CA LEU B 77 0.85 -10.22 -0.14
C LEU B 77 -0.63 -10.57 0.02
N LYS B 78 -1.08 -11.52 -0.80
CA LYS B 78 -2.39 -12.12 -0.63
C LYS B 78 -2.22 -13.36 0.21
N VAL B 79 -2.85 -13.40 1.37
CA VAL B 79 -2.82 -14.59 2.21
C VAL B 79 -4.19 -15.29 2.24
N PRO B 80 -4.22 -16.60 1.96
CA PRO B 80 -5.39 -17.43 2.15
C PRO B 80 -6.16 -17.08 3.43
N LEU B 81 -7.48 -16.87 3.30
CA LEU B 81 -8.33 -16.51 4.43
C LEU B 81 -8.27 -17.60 5.50
N GLN B 82 -8.21 -18.84 5.02
CA GLN B 82 -7.91 -20.01 5.84
C GLN B 82 -6.72 -19.76 6.76
N GLU B 83 -5.62 -19.33 6.13
CA GLU B 83 -4.34 -19.13 6.80
C GLU B 83 -4.28 -17.89 7.68
N TRP B 84 -5.38 -17.14 7.74
CA TRP B 84 -5.41 -15.89 8.49
C TRP B 84 -5.82 -16.04 9.95
N SER B 85 -6.76 -16.92 10.26
CA SER B 85 -7.16 -17.13 11.66
C SER B 85 -6.61 -18.40 12.32
N ARG B 86 -5.60 -19.01 11.70
CA ARG B 86 -4.81 -20.04 12.35
C ARG B 86 -3.94 -19.40 13.43
N GLY B 87 -4.27 -18.16 13.79
CA GLY B 87 -3.44 -17.36 14.68
C GLY B 87 -2.05 -17.23 14.10
N SER B 88 -1.97 -17.18 12.77
CA SER B 88 -0.71 -17.02 12.06
C SER B 88 -0.17 -15.60 12.25
N VAL B 89 1.15 -15.50 12.39
CA VAL B 89 1.81 -14.20 12.42
C VAL B 89 2.52 -13.99 11.10
N TYR B 90 2.17 -12.91 10.42
CA TYR B 90 2.87 -12.53 9.22
C TYR B 90 3.75 -11.33 9.50
N SER B 91 4.97 -11.39 9.00
CA SER B 91 5.91 -10.29 9.13
C SER B 91 6.56 -10.01 7.79
N CYS B 92 6.76 -8.73 7.48
CA CYS B 92 7.68 -8.34 6.42
C CYS B 92 8.91 -7.73 7.07
N GLN B 93 10.04 -7.89 6.39
CA GLN B 93 11.33 -7.48 6.87
C GLN B 93 11.98 -6.60 5.79
N VAL B 94 12.45 -5.43 6.19
CA VAL B 94 13.01 -4.46 5.27
C VAL B 94 14.47 -4.13 5.58
N SER B 95 15.33 -4.28 4.57
CA SER B 95 16.76 -4.09 4.74
C SER B 95 17.23 -2.91 3.92
N HIS B 96 18.06 -2.06 4.53
CA HIS B 96 18.57 -0.85 3.91
C HIS B 96 20.04 -0.72 4.28
N SER B 97 20.91 -1.22 3.40
CA SER B 97 22.34 -1.27 3.65
C SER B 97 22.95 0.10 3.96
N ALA B 98 22.57 1.11 3.18
CA ALA B 98 23.14 2.45 3.29
C ALA B 98 22.98 3.05 4.68
N THR B 99 21.97 2.59 5.41
CA THR B 99 21.70 3.04 6.77
C THR B 99 22.00 1.93 7.79
N SER B 100 22.49 0.78 7.29
CA SER B 100 22.72 -0.41 8.11
C SER B 100 21.48 -0.78 8.92
N SER B 101 20.34 -0.79 8.24
CA SER B 101 19.05 -0.93 8.91
C SER B 101 18.36 -2.24 8.55
N ASN B 102 17.91 -2.95 9.58
CA ASN B 102 17.07 -4.12 9.41
C ASN B 102 15.79 -3.93 10.19
N GLN B 103 14.68 -3.87 9.47
CA GLN B 103 13.40 -3.61 10.11
C GLN B 103 12.39 -4.71 9.87
N ARG B 104 11.47 -4.85 10.83
CA ARG B 104 10.40 -5.83 10.75
C ARG B 104 9.16 -5.37 11.51
N LYS B 105 8.00 -5.67 10.94
CA LYS B 105 6.72 -5.50 11.61
C LYS B 105 5.93 -6.79 11.51
N GLU B 106 5.23 -7.14 12.57
CA GLU B 106 4.42 -8.35 12.60
C GLU B 106 2.94 -8.01 12.70
N ILE B 107 2.10 -8.89 12.18
CA ILE B 107 0.65 -8.72 12.23
C ILE B 107 0.01 -10.10 12.35
N ARG B 108 -1.12 -10.17 13.05
CA ARG B 108 -1.86 -11.42 13.30
C ARG B 108 -3.37 -11.13 13.23
N SER B 109 -4.21 -12.16 13.22
CA SER B 109 -5.66 -11.97 13.08
C SER B 109 -6.36 -11.39 14.32
#